data_4YL0
#
_entry.id   4YL0
#
_cell.length_a   76.621
_cell.length_b   76.621
_cell.length_c   123.092
_cell.angle_alpha   90.000
_cell.angle_beta   90.000
_cell.angle_gamma   120.000
#
_symmetry.space_group_name_H-M   'H 3'
#
loop_
_entity.id
_entity.type
_entity.pdbx_description
1 polymer 'Prostaglandin E synthase'
2 non-polymer 2-(9-chloro-1H-phenanthro[9,10-d]imidazol-2-yl)benzene-1,3-dicarbonitrile
3 non-polymer GLUTATHIONE
4 non-polymer 'octyl beta-D-glucopyranoside'
5 non-polymer 'TETRAETHYLENE GLYCOL'
6 non-polymer DI(HYDROXYETHYL)ETHER
7 water water
#
_entity_poly.entity_id   1
_entity_poly.type   'polypeptide(L)'
_entity_poly.pdbx_seq_one_letter_code
;SLVMSSPALPAFLLCSTLLVIKMYVVAIITGQVRLRKKAFANPEDALRHGGPQY(CSO)RSDPDVERCLRAHRNDMETIY
PFLFLGFVYSFLGPNPFVAWMHFLVFLVGRVAHTVAYLGKLRAPIRSVTYTLAQLPCASMALQILWEAARHL
;
_entity_poly.pdbx_strand_id   A
#
# COMPACT_ATOMS: atom_id res chain seq x y z
N SER A 1 -8.41 17.22 -19.93
CA SER A 1 -8.21 15.92 -19.24
C SER A 1 -9.09 15.80 -18.00
N LEU A 2 -9.59 14.58 -17.75
CA LEU A 2 -10.49 14.32 -16.64
C LEU A 2 -9.77 14.20 -15.28
N VAL A 3 -8.44 14.30 -15.31
CA VAL A 3 -7.63 14.36 -14.08
C VAL A 3 -7.91 15.67 -13.33
N MET A 4 -8.53 16.62 -14.01
CA MET A 4 -8.87 17.93 -13.44
C MET A 4 -10.30 18.03 -12.91
N SER A 5 -10.99 16.89 -12.79
CA SER A 5 -12.36 16.85 -12.28
C SER A 5 -12.46 17.44 -10.86
N SER A 6 -11.34 17.39 -10.13
CA SER A 6 -11.24 17.95 -8.79
CA SER A 6 -11.24 17.94 -8.78
C SER A 6 -9.79 18.33 -8.50
N PRO A 7 -9.57 19.44 -7.74
CA PRO A 7 -8.20 19.92 -7.48
C PRO A 7 -7.26 18.94 -6.75
N ALA A 8 -7.81 18.02 -5.96
CA ALA A 8 -7.01 17.05 -5.20
C ALA A 8 -6.68 15.80 -6.03
N LEU A 9 -7.40 15.61 -7.13
CA LEU A 9 -7.29 14.38 -7.91
C LEU A 9 -5.88 14.07 -8.47
N PRO A 10 -5.19 15.07 -9.07
CA PRO A 10 -3.85 14.75 -9.58
C PRO A 10 -2.89 14.24 -8.49
N ALA A 11 -2.92 14.86 -7.31
CA ALA A 11 -2.08 14.43 -6.19
C ALA A 11 -2.45 13.01 -5.75
N PHE A 12 -3.75 12.73 -5.70
CA PHE A 12 -4.20 11.39 -5.35
C PHE A 12 -3.68 10.36 -6.36
N LEU A 13 -3.85 10.66 -7.64
CA LEU A 13 -3.44 9.71 -8.69
C LEU A 13 -1.93 9.50 -8.73
N LEU A 14 -1.16 10.54 -8.43
CA LEU A 14 0.29 10.41 -8.33
C LEU A 14 0.68 9.45 -7.20
N CYS A 15 0.15 9.70 -6.00
CA CYS A 15 0.49 8.91 -4.81
C CYS A 15 0.03 7.47 -4.96
N SER A 16 -1.21 7.29 -5.43
CA SER A 16 -1.77 5.95 -5.62
C SER A 16 -0.97 5.13 -6.62
N THR A 17 -0.62 5.75 -7.75
CA THR A 17 0.08 5.02 -8.80
C THR A 17 1.50 4.66 -8.37
N LEU A 18 2.16 5.57 -7.65
CA LEU A 18 3.46 5.28 -7.05
C LEU A 18 3.37 4.09 -6.09
N LEU A 19 2.30 4.03 -5.32
CA LEU A 19 2.10 2.92 -4.38
C LEU A 19 1.82 1.60 -5.07
N VAL A 20 1.06 1.64 -6.18
CA VAL A 20 0.83 0.44 -6.98
C VAL A 20 2.16 -0.04 -7.56
N ILE A 21 2.96 0.89 -8.09
CA ILE A 21 4.29 0.54 -8.60
C ILE A 21 5.17 -0.05 -7.48
N LYS A 22 5.07 0.54 -6.28
CA LYS A 22 5.81 0.05 -5.10
C LYS A 22 5.43 -1.40 -4.76
N MET A 23 4.15 -1.74 -4.95
CA MET A 23 3.69 -3.12 -4.73
C MET A 23 4.24 -4.06 -5.79
N TYR A 24 4.29 -3.59 -7.04
CA TYR A 24 4.88 -4.36 -8.11
C TYR A 24 6.36 -4.64 -7.82
N VAL A 25 7.04 -3.64 -7.24
CA VAL A 25 8.45 -3.80 -6.86
C VAL A 25 8.62 -4.91 -5.80
N VAL A 26 7.72 -4.92 -4.81
CA VAL A 26 7.70 -6.00 -3.81
C VAL A 26 7.50 -7.36 -4.48
N ALA A 27 6.58 -7.44 -5.45
CA ALA A 27 6.37 -8.69 -6.17
C ALA A 27 7.63 -9.15 -6.91
N ILE A 28 8.33 -8.21 -7.54
CA ILE A 28 9.58 -8.50 -8.25
C ILE A 28 10.64 -8.99 -7.26
N ILE A 29 10.79 -8.27 -6.15
CA ILE A 29 11.74 -8.67 -5.09
C ILE A 29 11.43 -10.10 -4.61
N THR A 30 10.15 -10.38 -4.38
CA THR A 30 9.71 -11.71 -3.92
C THR A 30 10.19 -12.82 -4.87
N GLY A 31 9.98 -12.62 -6.18
CA GLY A 31 10.42 -13.59 -7.18
C GLY A 31 11.94 -13.76 -7.17
N GLN A 32 12.66 -12.65 -7.05
CA GLN A 32 14.13 -12.68 -6.99
C GLN A 32 14.63 -13.44 -5.76
N VAL A 33 13.96 -13.25 -4.64
CA VAL A 33 14.30 -13.94 -3.40
C VAL A 33 14.05 -15.45 -3.53
N ARG A 34 12.93 -15.83 -4.14
CA ARG A 34 12.62 -17.24 -4.41
C ARG A 34 13.72 -17.90 -5.25
N LEU A 35 14.17 -17.21 -6.31
CA LEU A 35 15.23 -17.74 -7.18
C LEU A 35 16.57 -17.85 -6.46
N ARG A 36 16.94 -16.79 -5.75
CA ARG A 36 18.22 -16.70 -5.04
C ARG A 36 18.33 -17.73 -3.91
N LYS A 37 17.26 -17.84 -3.12
CA LYS A 37 17.21 -18.76 -1.99
C LYS A 37 16.76 -20.16 -2.42
N LYS A 38 16.35 -20.30 -3.68
CA LYS A 38 15.79 -21.56 -4.21
C LYS A 38 14.66 -22.08 -3.32
N ALA A 39 13.64 -21.25 -3.16
CA ALA A 39 12.50 -21.59 -2.32
C ALA A 39 11.22 -21.30 -3.08
N PHE A 40 10.63 -22.37 -3.62
CA PHE A 40 9.49 -22.25 -4.51
C PHE A 40 8.24 -22.81 -3.87
N ALA A 41 7.09 -22.23 -4.20
CA ALA A 41 5.82 -22.67 -3.63
C ALA A 41 5.18 -23.84 -4.36
N ASN A 42 5.66 -24.12 -5.58
CA ASN A 42 5.04 -25.12 -6.45
C ASN A 42 6.05 -26.15 -6.92
N PRO A 43 5.65 -27.44 -6.90
CA PRO A 43 6.59 -28.47 -7.35
C PRO A 43 7.06 -28.30 -8.80
N GLU A 44 6.18 -27.83 -9.68
CA GLU A 44 6.57 -27.59 -11.08
C GLU A 44 7.66 -26.53 -11.21
N ASP A 45 7.61 -25.50 -10.35
CA ASP A 45 8.65 -24.47 -10.32
C ASP A 45 9.97 -25.06 -9.84
N ALA A 46 9.91 -25.81 -8.73
CA ALA A 46 11.09 -26.41 -8.13
C ALA A 46 11.81 -27.35 -9.09
N LEU A 47 11.06 -28.16 -9.83
CA LEU A 47 11.64 -29.11 -10.78
C LEU A 47 12.37 -28.44 -11.95
N ARG A 48 11.92 -27.23 -12.31
CA ARG A 48 12.59 -26.42 -13.35
C ARG A 48 13.87 -25.78 -12.82
N HIS A 49 13.94 -25.59 -11.50
CA HIS A 49 15.01 -24.79 -10.90
C HIS A 49 15.92 -25.56 -9.95
N GLY A 50 16.07 -26.86 -10.17
CA GLY A 50 17.06 -27.65 -9.42
C GLY A 50 16.62 -28.96 -8.79
N GLY A 51 15.31 -29.14 -8.62
CA GLY A 51 14.77 -30.38 -8.05
C GLY A 51 13.69 -30.17 -7.00
N PRO A 52 13.01 -31.26 -6.60
CA PRO A 52 11.83 -31.23 -5.73
C PRO A 52 12.13 -30.76 -4.32
N GLN A 53 13.40 -30.86 -3.89
CA GLN A 53 13.82 -30.40 -2.57
C GLN A 53 13.73 -28.88 -2.44
N TYR A 54 13.62 -28.19 -3.57
CA TYR A 54 13.50 -26.73 -3.59
C TYR A 54 12.05 -26.23 -3.56
N ARG A 56 9.88 -25.56 -1.08
CA ARG A 56 10.10 -25.39 0.35
C ARG A 56 9.84 -23.94 0.75
N SER A 57 9.57 -23.74 2.04
CA SER A 57 9.40 -22.40 2.59
C SER A 57 10.75 -21.78 2.93
N ASP A 58 10.80 -20.45 2.95
CA ASP A 58 11.98 -19.70 3.33
C ASP A 58 11.54 -18.46 4.11
N PRO A 59 12.25 -18.13 5.21
CA PRO A 59 11.84 -16.98 6.03
C PRO A 59 11.84 -15.65 5.29
N ASP A 60 12.79 -15.44 4.39
CA ASP A 60 12.86 -14.20 3.62
C ASP A 60 11.73 -14.10 2.60
N VAL A 61 11.40 -15.22 1.96
CA VAL A 61 10.24 -15.28 1.06
C VAL A 61 8.95 -14.98 1.84
N GLU A 62 8.79 -15.62 3.00
CA GLU A 62 7.60 -15.42 3.83
CA GLU A 62 7.59 -15.40 3.81
C GLU A 62 7.48 -13.96 4.26
N ARG A 63 8.61 -13.33 4.58
CA ARG A 63 8.65 -11.91 4.95
C ARG A 63 8.17 -11.02 3.78
N CYS A 64 8.64 -11.31 2.58
CA CYS A 64 8.21 -10.60 1.37
C CYS A 64 6.70 -10.73 1.19
N LEU A 65 6.19 -11.95 1.39
CA LEU A 65 4.75 -12.21 1.26
C LEU A 65 3.95 -11.45 2.32
N ARG A 66 4.46 -11.36 3.54
CA ARG A 66 3.80 -10.58 4.58
C ARG A 66 3.75 -9.10 4.24
N ALA A 67 4.84 -8.58 3.68
CA ALA A 67 4.88 -7.16 3.30
C ALA A 67 3.85 -6.88 2.21
N HIS A 68 3.80 -7.77 1.22
CA HIS A 68 2.86 -7.65 0.10
C HIS A 68 1.43 -7.77 0.61
N ARG A 69 1.18 -8.71 1.53
CA ARG A 69 -0.16 -8.85 2.09
CA ARG A 69 -0.15 -8.88 2.12
C ARG A 69 -0.56 -7.61 2.89
N ASN A 70 0.34 -7.09 3.71
CA ASN A 70 0.02 -5.88 4.45
C ASN A 70 -0.28 -4.69 3.51
N ASP A 71 0.46 -4.59 2.41
CA ASP A 71 0.16 -3.63 1.34
C ASP A 71 -1.27 -3.81 0.83
N MET A 72 -1.68 -5.05 0.56
CA MET A 72 -3.05 -5.30 0.08
C MET A 72 -4.11 -4.90 1.10
N GLU A 73 -3.78 -5.07 2.39
CA GLU A 73 -4.68 -4.75 3.49
C GLU A 73 -4.86 -3.24 3.67
N THR A 74 -3.91 -2.45 3.17
CA THR A 74 -3.88 -1.02 3.47
C THR A 74 -3.94 -0.12 2.24
N ILE A 75 -3.16 -0.46 1.21
CA ILE A 75 -3.11 0.35 0.00
C ILE A 75 -4.40 0.21 -0.81
N TYR A 76 -4.94 -1.00 -0.91
CA TYR A 76 -6.19 -1.17 -1.66
C TYR A 76 -7.34 -0.32 -1.11
N PRO A 77 -7.57 -0.32 0.23
CA PRO A 77 -8.59 0.58 0.79
C PRO A 77 -8.30 2.05 0.51
N PHE A 78 -7.02 2.45 0.56
CA PHE A 78 -6.63 3.82 0.22
C PHE A 78 -7.01 4.19 -1.22
N LEU A 79 -6.83 3.25 -2.15
CA LEU A 79 -7.21 3.48 -3.56
C LEU A 79 -8.68 3.87 -3.66
N PHE A 80 -9.53 3.20 -2.86
CA PHE A 80 -10.95 3.50 -2.85
C PHE A 80 -11.23 4.81 -2.11
N LEU A 81 -10.73 4.92 -0.87
CA LEU A 81 -11.05 6.06 -0.01
C LEU A 81 -10.52 7.36 -0.58
N GLY A 82 -9.26 7.33 -1.04
CA GLY A 82 -8.61 8.51 -1.61
C GLY A 82 -9.28 9.00 -2.87
N PHE A 83 -9.76 8.08 -3.70
CA PHE A 83 -10.46 8.43 -4.93
C PHE A 83 -11.77 9.17 -4.61
N VAL A 84 -12.58 8.57 -3.74
CA VAL A 84 -13.85 9.18 -3.33
C VAL A 84 -13.60 10.52 -2.63
N TYR A 85 -12.66 10.55 -1.70
CA TYR A 85 -12.31 11.75 -0.94
C TYR A 85 -11.92 12.93 -1.84
N SER A 86 -11.21 12.62 -2.93
CA SER A 86 -10.79 13.64 -3.91
C SER A 86 -11.97 14.42 -4.50
N PHE A 87 -13.14 13.79 -4.53
CA PHE A 87 -14.34 14.39 -5.12
C PHE A 87 -15.27 15.05 -4.10
N LEU A 88 -14.85 15.08 -2.84
CA LEU A 88 -15.67 15.66 -1.77
C LEU A 88 -15.34 17.13 -1.50
N GLY A 89 -14.53 17.73 -2.38
CA GLY A 89 -14.11 19.12 -2.25
C GLY A 89 -13.29 19.42 -1.00
N PRO A 90 -12.31 18.56 -0.66
CA PRO A 90 -11.49 18.91 0.50
C PRO A 90 -10.54 20.07 0.19
N ASN A 91 -10.07 20.74 1.23
CA ASN A 91 -9.01 21.73 1.04
C ASN A 91 -7.84 21.04 0.35
N PRO A 92 -7.37 21.60 -0.79
CA PRO A 92 -6.32 20.97 -1.59
C PRO A 92 -5.06 20.64 -0.79
N PHE A 93 -4.59 21.57 0.04
CA PHE A 93 -3.41 21.34 0.86
C PHE A 93 -3.65 20.23 1.90
N VAL A 94 -4.82 20.27 2.53
CA VAL A 94 -5.20 19.24 3.50
C VAL A 94 -5.22 17.86 2.83
N ALA A 95 -5.82 17.79 1.64
CA ALA A 95 -5.85 16.52 0.88
C ALA A 95 -4.44 16.04 0.53
N TRP A 96 -3.59 16.95 0.03
N TRP A 96 -3.61 16.95 0.01
CA TRP A 96 -2.19 16.62 -0.27
CA TRP A 96 -2.19 16.67 -0.25
C TRP A 96 -1.49 16.03 0.95
C TRP A 96 -1.51 16.02 0.94
N MET A 97 -1.76 16.60 2.13
CA MET A 97 -1.16 16.12 3.38
C MET A 97 -1.64 14.70 3.71
N HIS A 98 -2.93 14.43 3.50
CA HIS A 98 -3.46 13.08 3.68
C HIS A 98 -2.73 12.09 2.77
N PHE A 99 -2.60 12.44 1.48
CA PHE A 99 -1.99 11.54 0.51
C PHE A 99 -0.50 11.35 0.76
N LEU A 100 0.19 12.45 1.13
CA LEU A 100 1.63 12.43 1.38
CA LEU A 100 1.63 12.41 1.38
C LEU A 100 1.98 11.60 2.62
N VAL A 101 1.20 11.76 3.69
CA VAL A 101 1.41 11.00 4.91
C VAL A 101 1.23 9.51 4.60
N PHE A 102 0.20 9.17 3.82
CA PHE A 102 0.01 7.77 3.45
C PHE A 102 1.16 7.23 2.61
N LEU A 103 1.56 7.99 1.58
CA LEU A 103 2.65 7.57 0.69
C LEU A 103 3.96 7.35 1.45
N VAL A 104 4.35 8.33 2.27
CA VAL A 104 5.61 8.25 3.01
C VAL A 104 5.55 7.14 4.05
N GLY A 105 4.42 7.05 4.76
CA GLY A 105 4.19 6.00 5.74
C GLY A 105 4.29 4.60 5.14
N ARG A 106 3.67 4.40 3.98
CA ARG A 106 3.71 3.08 3.35
C ARG A 106 5.07 2.72 2.74
N VAL A 107 5.75 3.68 2.13
CA VAL A 107 7.09 3.41 1.61
C VAL A 107 8.01 3.05 2.79
N ALA A 108 7.91 3.81 3.87
CA ALA A 108 8.67 3.53 5.09
C ALA A 108 8.35 2.15 5.67
N HIS A 109 7.07 1.78 5.63
CA HIS A 109 6.63 0.45 6.08
C HIS A 109 7.35 -0.68 5.33
N THR A 110 7.38 -0.59 4.00
CA THR A 110 8.04 -1.59 3.18
C THR A 110 9.54 -1.64 3.47
N VAL A 111 10.17 -0.48 3.62
CA VAL A 111 11.59 -0.43 3.96
C VAL A 111 11.82 -1.08 5.32
N ALA A 112 10.99 -0.73 6.30
CA ALA A 112 11.09 -1.29 7.65
C ALA A 112 10.85 -2.79 7.68
N TYR A 113 9.94 -3.27 6.83
CA TYR A 113 9.59 -4.69 6.80
C TYR A 113 10.70 -5.50 6.12
N LEU A 114 11.00 -5.16 4.87
CA LEU A 114 11.99 -5.90 4.10
C LEU A 114 13.41 -5.71 4.62
N GLY A 115 13.68 -4.53 5.20
CA GLY A 115 14.99 -4.24 5.78
C GLY A 115 15.18 -4.73 7.21
N LYS A 116 14.13 -5.36 7.76
CA LYS A 116 14.17 -5.98 9.09
C LYS A 116 14.58 -4.97 10.17
N LEU A 117 14.03 -3.77 10.10
CA LEU A 117 14.32 -2.72 11.07
C LEU A 117 13.73 -3.05 12.43
N ARG A 118 14.39 -2.59 13.49
CA ARG A 118 13.97 -2.93 14.85
C ARG A 118 12.55 -2.45 15.14
N ALA A 119 11.83 -3.24 15.94
CA ALA A 119 10.50 -2.84 16.41
C ALA A 119 10.63 -1.65 17.38
N PRO A 120 9.62 -0.77 17.43
CA PRO A 120 8.36 -0.85 16.69
C PRO A 120 8.32 0.05 15.45
N ILE A 121 9.45 0.16 14.74
CA ILE A 121 9.53 1.07 13.58
C ILE A 121 8.43 0.74 12.57
N ARG A 122 8.34 -0.51 12.17
CA ARG A 122 7.32 -0.91 11.20
C ARG A 122 5.90 -0.63 11.71
N SER A 123 5.63 -1.01 12.96
CA SER A 123 4.33 -0.79 13.59
C SER A 123 3.94 0.68 13.60
N VAL A 124 4.91 1.55 13.88
CA VAL A 124 4.67 3.00 13.89
C VAL A 124 4.35 3.53 12.49
N THR A 125 5.08 3.05 11.48
CA THR A 125 4.82 3.48 10.09
C THR A 125 3.43 3.04 9.64
N TYR A 126 3.02 1.84 10.05
CA TYR A 126 1.68 1.33 9.74
C TYR A 126 0.62 2.25 10.34
N THR A 127 0.80 2.57 11.62
CA THR A 127 -0.15 3.40 12.35
C THR A 127 -0.22 4.81 11.76
N LEU A 128 0.94 5.38 11.45
N LEU A 128 0.96 5.41 11.49
CA LEU A 128 1.02 6.72 10.83
CA LEU A 128 1.07 6.73 10.83
C LEU A 128 0.22 6.74 9.53
C LEU A 128 0.27 6.77 9.53
N ALA A 129 0.43 5.73 8.68
CA ALA A 129 -0.26 5.67 7.39
C ALA A 129 -1.77 5.44 7.52
N GLN A 130 -2.18 4.71 8.56
CA GLN A 130 -3.61 4.45 8.75
C GLN A 130 -4.37 5.71 9.17
N LEU A 131 -3.67 6.67 9.78
CA LEU A 131 -4.32 7.90 10.27
C LEU A 131 -5.07 8.66 9.17
N PRO A 132 -4.39 9.01 8.05
CA PRO A 132 -5.16 9.67 6.98
C PRO A 132 -6.28 8.82 6.40
N CYS A 133 -6.14 7.49 6.39
CA CYS A 133 -7.19 6.62 5.89
C CYS A 133 -8.43 6.66 6.77
N ALA A 134 -8.21 6.60 8.08
CA ALA A 134 -9.29 6.75 9.07
C ALA A 134 -9.98 8.09 8.89
N SER A 135 -9.19 9.15 8.72
CA SER A 135 -9.71 10.50 8.52
C SER A 135 -10.59 10.57 7.28
N MET A 136 -10.10 10.04 6.16
CA MET A 136 -10.88 10.04 4.92
C MET A 136 -12.14 9.21 5.03
N ALA A 137 -12.04 8.04 5.68
CA ALA A 137 -13.20 7.16 5.84
C ALA A 137 -14.33 7.87 6.59
N LEU A 138 -13.98 8.53 7.69
CA LEU A 138 -14.97 9.28 8.47
C LEU A 138 -15.61 10.40 7.66
N GLN A 139 -14.79 11.15 6.91
CA GLN A 139 -15.32 12.23 6.08
C GLN A 139 -16.29 11.71 5.02
N ILE A 140 -15.96 10.58 4.40
CA ILE A 140 -16.84 9.94 3.41
C ILE A 140 -18.15 9.49 4.05
N LEU A 141 -18.04 8.92 5.26
CA LEU A 141 -19.22 8.48 6.01
CA LEU A 141 -19.21 8.46 6.00
C LEU A 141 -20.21 9.61 6.19
N TRP A 142 -19.71 10.76 6.65
CA TRP A 142 -20.57 11.92 6.90
C TRP A 142 -21.20 12.42 5.62
N GLU A 143 -20.42 12.50 4.55
CA GLU A 143 -20.91 12.98 3.26
CA GLU A 143 -20.92 12.98 3.27
C GLU A 143 -21.96 12.02 2.69
N ALA A 144 -21.68 10.72 2.78
CA ALA A 144 -22.63 9.72 2.29
C ALA A 144 -23.93 9.74 3.11
N ALA A 145 -23.79 9.71 4.43
CA ALA A 145 -24.94 9.73 5.34
C ALA A 145 -25.83 10.95 5.12
N ARG A 146 -25.21 12.10 4.88
CA ARG A 146 -25.98 13.34 4.77
C ARG A 146 -26.74 13.45 3.44
N HIS A 147 -26.38 12.60 2.48
CA HIS A 147 -27.05 12.58 1.16
CA HIS A 147 -27.03 12.57 1.17
C HIS A 147 -28.06 11.44 1.04
N LEU A 148 -28.28 10.71 2.12
CA LEU A 148 -29.26 9.61 2.11
C LEU A 148 -30.67 10.15 2.06
#